data_3FWS
#
_entry.id   3FWS
#
_cell.length_a   54.025
_cell.length_b   103.969
_cell.length_c   98.387
_cell.angle_alpha   90.00
_cell.angle_beta   90.00
_cell.angle_gamma   90.00
#
_symmetry.space_group_name_H-M   'C 2 2 21'
#
loop_
_entity.id
_entity.type
_entity.pdbx_description
1 polymer 'YqzB protein'
2 non-polymer 'PHOSPHOAMINOPHOSPHONIC ACID-ADENYLATE ESTER'
3 non-polymer 'PHOSPHATE ION'
4 non-polymer 'MAGNESIUM ION'
5 water water
#
_entity_poly.entity_id   1
_entity_poly.type   'polypeptide(L)'
_entity_poly.pdbx_seq_one_letter_code
;MTGKTGTQLLADKLKKLQVKDFQSIPVVIHENVSVYDAICTMFLEDVGTLFVVDRDAVLVGVLSRKDLLRASIGQQELTS
VPVHIIMTRMPNITVCRREDYVMDIAKHLIEKQIDALPVIKDTDKGFEVIGRVTKTNMTKILVSLSENEILLQHHHHHH
;
_entity_poly.pdbx_strand_id   A,B
#
# COMPACT_ATOMS: atom_id res chain seq x y z
N THR A 7 -30.92 6.57 -4.04
CA THR A 7 -29.60 6.62 -3.35
C THR A 7 -28.49 7.28 -4.21
N GLN A 8 -28.86 7.72 -5.42
CA GLN A 8 -27.93 8.46 -6.31
C GLN A 8 -27.47 9.74 -5.58
N LEU A 9 -28.40 10.34 -4.83
CA LEU A 9 -28.14 11.52 -3.98
C LEU A 9 -27.11 11.27 -2.88
N LEU A 10 -27.20 10.12 -2.20
CA LEU A 10 -26.17 9.70 -1.24
C LEU A 10 -24.76 9.58 -1.87
N ALA A 11 -24.66 8.82 -2.95
CA ALA A 11 -23.41 8.69 -3.73
C ALA A 11 -22.88 10.08 -4.09
N ASP A 12 -23.78 10.96 -4.55
CA ASP A 12 -23.43 12.35 -4.87
C ASP A 12 -22.70 13.12 -3.78
N LYS A 13 -23.22 13.01 -2.55
CA LYS A 13 -22.68 13.66 -1.35
C LYS A 13 -21.34 13.07 -0.98
N LEU A 14 -21.15 11.76 -1.20
CA LEU A 14 -19.87 11.12 -1.02
C LEU A 14 -18.81 11.61 -2.01
N LYS A 15 -19.27 12.00 -3.19
CA LYS A 15 -18.34 12.38 -4.25
C LYS A 15 -17.92 13.82 -4.07
N LYS A 16 -18.39 14.44 -2.99
CA LYS A 16 -18.07 15.83 -2.74
C LYS A 16 -17.07 15.98 -1.58
N LEU A 17 -16.73 14.87 -0.95
CA LEU A 17 -15.71 14.86 0.09
C LEU A 17 -14.37 15.15 -0.53
N GLN A 18 -13.58 16.02 0.10
CA GLN A 18 -12.37 16.54 -0.52
C GLN A 18 -11.08 16.10 0.14
N VAL A 19 -10.03 16.14 -0.63
CA VAL A 19 -8.69 15.64 -0.26
C VAL A 19 -8.17 16.40 0.98
N LYS A 20 -8.41 17.70 1.04
CA LYS A 20 -7.85 18.49 2.14
C LYS A 20 -8.18 17.88 3.55
N ASP A 21 -9.35 17.29 3.68
CA ASP A 21 -9.79 16.80 4.99
C ASP A 21 -9.23 15.42 5.35
N PHE A 22 -8.59 14.74 4.40
CA PHE A 22 -8.17 13.31 4.51
C PHE A 22 -6.74 13.01 4.04
N GLN A 23 -5.89 14.02 3.99
CA GLN A 23 -4.57 13.80 3.39
C GLN A 23 -3.59 13.55 4.53
N SER A 24 -2.42 13.01 4.20
CA SER A 24 -1.28 12.85 5.13
C SER A 24 -0.11 13.78 4.73
N ILE A 25 0.90 13.94 5.60
CA ILE A 25 2.03 14.81 5.27
C ILE A 25 2.82 14.23 4.06
N PRO A 26 3.51 15.08 3.29
CA PRO A 26 4.32 14.46 2.23
C PRO A 26 5.69 14.06 2.74
N VAL A 27 6.26 13.01 2.18
CA VAL A 27 7.67 12.72 2.41
C VAL A 27 8.47 13.03 1.15
N VAL A 28 9.39 13.99 1.24
CA VAL A 28 10.04 14.52 0.02
C VAL A 28 11.52 14.41 0.13
N ILE A 29 12.16 14.16 -1.02
CA ILE A 29 13.60 14.06 -1.07
C ILE A 29 14.04 14.86 -2.29
N HIS A 30 15.26 15.41 -2.23
CA HIS A 30 15.82 16.20 -3.30
C HIS A 30 16.27 15.23 -4.39
N GLU A 31 16.15 15.67 -5.65
CA GLU A 31 16.42 14.76 -6.79
C GLU A 31 17.89 14.28 -6.90
N ASN A 32 18.80 14.96 -6.20
CA ASN A 32 20.25 14.58 -6.16
C ASN A 32 20.71 13.68 -5.01
N VAL A 33 19.80 13.37 -4.10
CA VAL A 33 20.07 12.42 -3.07
C VAL A 33 20.34 11.04 -3.71
N SER A 34 21.27 10.24 -3.18
CA SER A 34 21.55 8.93 -3.75
C SER A 34 20.41 7.88 -3.52
N VAL A 35 20.42 6.78 -4.29
CA VAL A 35 19.43 5.72 -4.11
C VAL A 35 19.51 5.09 -2.74
N TYR A 36 20.71 4.95 -2.21
CA TYR A 36 20.94 4.49 -0.85
C TYR A 36 20.25 5.40 0.15
N ASP A 37 20.41 6.73 -0.04
CA ASP A 37 19.80 7.74 0.84
C ASP A 37 18.27 7.69 0.76
N ALA A 38 17.70 7.43 -0.41
CA ALA A 38 16.29 7.36 -0.55
C ALA A 38 15.79 6.11 0.17
N ILE A 39 16.52 5.01 0.14
CA ILE A 39 16.08 3.79 0.82
C ILE A 39 16.08 4.06 2.33
N CYS A 40 17.11 4.72 2.81
CA CYS A 40 17.13 5.13 4.22
C CYS A 40 15.95 5.97 4.63
N THR A 41 15.60 7.01 3.88
CA THR A 41 14.48 7.90 4.20
C THR A 41 13.21 7.10 4.25
N MET A 42 13.05 6.16 3.32
CA MET A 42 11.81 5.40 3.35
C MET A 42 11.65 4.46 4.59
N PHE A 43 12.73 3.90 5.11
CA PHE A 43 12.69 3.25 6.37
C PHE A 43 12.54 4.22 7.54
N LEU A 44 13.28 5.35 7.53
CA LEU A 44 13.19 6.27 8.70
C LEU A 44 11.83 6.88 8.77
N GLU A 45 11.29 7.26 7.64
CA GLU A 45 9.99 7.87 7.61
C GLU A 45 8.90 6.82 7.64
N ASP A 46 9.24 5.56 7.37
CA ASP A 46 8.27 4.43 7.32
C ASP A 46 7.10 4.67 6.41
N VAL A 47 7.43 5.03 5.16
CA VAL A 47 6.44 5.24 4.16
C VAL A 47 6.78 4.34 2.94
N GLY A 48 5.93 4.38 1.94
CA GLY A 48 6.17 3.50 0.83
C GLY A 48 6.40 4.21 -0.49
N THR A 49 6.06 5.49 -0.54
CA THR A 49 6.26 6.30 -1.73
C THR A 49 7.03 7.57 -1.35
N LEU A 50 7.99 8.02 -2.17
CA LEU A 50 8.73 9.25 -1.82
C LEU A 50 8.48 10.19 -2.95
N PHE A 51 8.34 11.46 -2.65
CA PHE A 51 8.20 12.44 -3.68
C PHE A 51 9.53 13.16 -3.83
N VAL A 52 10.00 13.26 -5.06
CA VAL A 52 11.29 13.86 -5.36
C VAL A 52 11.05 15.26 -5.88
N VAL A 53 11.76 16.23 -5.32
CA VAL A 53 11.67 17.64 -5.70
C VAL A 53 12.99 18.18 -6.21
N ASP A 54 12.97 19.31 -6.92
CA ASP A 54 14.21 19.90 -7.34
C ASP A 54 14.70 20.93 -6.31
N ARG A 55 15.72 21.68 -6.70
CA ARG A 55 16.30 22.67 -5.84
C ARG A 55 15.30 23.79 -5.45
N ASP A 56 14.22 23.94 -6.20
CA ASP A 56 13.25 25.00 -5.89
C ASP A 56 12.00 24.43 -5.24
N ALA A 57 12.11 23.18 -4.79
CA ALA A 57 11.09 22.45 -4.06
C ALA A 57 9.90 22.09 -4.94
N VAL A 58 10.12 21.97 -6.24
CA VAL A 58 9.02 21.67 -7.18
C VAL A 58 9.06 20.18 -7.44
N LEU A 59 7.90 19.53 -7.50
CA LEU A 59 7.87 18.11 -7.77
C LEU A 59 8.54 17.75 -9.14
N VAL A 60 9.39 16.73 -9.15
CA VAL A 60 10.02 16.31 -10.42
C VAL A 60 9.88 14.80 -10.60
N GLY A 61 9.44 14.08 -9.56
CA GLY A 61 9.56 12.62 -9.61
C GLY A 61 8.83 11.96 -8.46
N VAL A 62 8.56 10.68 -8.59
CA VAL A 62 8.19 9.82 -7.43
C VAL A 62 9.05 8.54 -7.41
N LEU A 63 9.24 7.96 -6.23
CA LEU A 63 9.93 6.66 -6.07
C LEU A 63 9.10 5.73 -5.19
N SER A 64 8.91 4.48 -5.62
CA SER A 64 8.14 3.56 -4.80
C SER A 64 9.15 2.55 -4.24
N ARG A 65 8.72 1.63 -3.38
CA ARG A 65 9.57 0.55 -2.88
C ARG A 65 10.10 -0.33 -3.92
N LYS A 66 9.24 -0.72 -4.86
CA LYS A 66 9.71 -1.56 -5.91
C LYS A 66 10.66 -0.85 -6.85
N ASP A 67 10.52 0.43 -7.06
CA ASP A 67 11.55 1.19 -7.83
C ASP A 67 12.87 1.02 -7.11
N LEU A 68 12.86 1.11 -5.77
CA LEU A 68 14.12 0.99 -5.06
C LEU A 68 14.68 -0.40 -5.00
N LEU A 69 13.78 -1.38 -4.92
CA LEU A 69 14.16 -2.76 -4.93
C LEU A 69 14.71 -3.14 -6.31
N ARG A 70 14.12 -2.56 -7.36
CA ARG A 70 14.61 -2.79 -8.73
C ARG A 70 16.02 -2.24 -8.80
N ALA A 71 16.18 -1.01 -8.31
CA ALA A 71 17.52 -0.44 -8.28
C ALA A 71 18.51 -1.28 -7.46
N SER A 72 18.06 -1.84 -6.35
CA SER A 72 19.00 -2.51 -5.40
C SER A 72 19.52 -3.87 -5.86
N ILE A 73 18.83 -4.49 -6.81
CA ILE A 73 19.45 -5.56 -7.62
C ILE A 73 19.98 -4.88 -8.93
N GLY A 74 21.31 -4.81 -9.12
CA GLY A 74 22.33 -5.00 -8.08
C GLY A 74 22.94 -3.66 -7.61
N GLN A 75 23.68 -2.96 -8.48
CA GLN A 75 24.15 -3.42 -9.80
C GLN A 75 25.58 -2.85 -10.11
N GLN A 76 25.80 -1.52 -10.18
CA GLN A 76 24.94 -0.36 -9.80
C GLN A 76 25.16 0.10 -8.34
N GLU A 77 25.86 1.21 -8.22
CA GLU A 77 26.44 1.67 -6.96
C GLU A 77 25.52 2.62 -6.20
N LEU A 78 24.64 2.04 -5.37
CA LEU A 78 23.48 2.75 -4.81
C LEU A 78 23.84 4.04 -4.12
N THR A 79 25.01 4.02 -3.49
CA THR A 79 25.67 5.14 -2.81
C THR A 79 26.06 6.32 -3.78
N SER A 80 26.31 5.98 -5.04
CA SER A 80 26.77 6.96 -6.01
C SER A 80 25.70 7.39 -7.02
N VAL A 81 24.58 6.65 -7.06
CA VAL A 81 23.54 6.87 -8.06
C VAL A 81 22.45 7.83 -7.55
N PRO A 82 22.32 9.01 -8.15
CA PRO A 82 21.26 9.97 -7.84
C PRO A 82 19.87 9.42 -8.15
N VAL A 83 18.89 9.67 -7.28
CA VAL A 83 17.52 9.20 -7.54
C VAL A 83 16.87 9.69 -8.81
N HIS A 84 17.31 10.82 -9.34
CA HIS A 84 16.73 11.29 -10.58
C HIS A 84 16.96 10.30 -11.73
N ILE A 85 17.97 9.44 -11.59
CA ILE A 85 18.26 8.44 -12.60
C ILE A 85 17.16 7.36 -12.62
N ILE A 86 16.58 7.03 -11.47
CA ILE A 86 15.63 5.90 -11.46
C ILE A 86 14.17 6.31 -11.20
N MET A 87 13.95 7.56 -10.78
CA MET A 87 12.62 7.96 -10.35
C MET A 87 11.70 7.93 -11.53
N THR A 88 10.42 7.78 -11.26
CA THR A 88 9.42 7.99 -12.25
C THR A 88 9.32 9.49 -12.36
N ARG A 89 9.32 10.00 -13.59
CA ARG A 89 9.53 11.40 -13.87
C ARG A 89 8.29 12.18 -14.20
N MET A 90 8.29 13.46 -13.83
CA MET A 90 7.29 14.36 -14.38
C MET A 90 7.59 14.35 -15.86
N PRO A 91 6.55 14.48 -16.73
CA PRO A 91 5.18 14.95 -16.44
C PRO A 91 4.16 13.82 -16.21
N ASN A 92 4.64 12.57 -16.11
CA ASN A 92 3.72 11.45 -16.01
C ASN A 92 3.54 11.01 -14.54
N ILE A 93 3.21 11.99 -13.71
CA ILE A 93 2.86 11.73 -12.36
C ILE A 93 1.41 12.11 -12.18
N THR A 94 0.68 11.21 -11.56
CA THR A 94 -0.72 11.50 -11.22
C THR A 94 -0.67 12.26 -9.87
N VAL A 95 -1.17 13.49 -9.87
CA VAL A 95 -1.22 14.35 -8.70
C VAL A 95 -2.67 14.71 -8.38
N CYS A 96 -2.93 15.23 -7.20
CA CYS A 96 -4.23 15.92 -6.92
C CYS A 96 -3.96 17.26 -6.24
N ARG A 97 -5.02 18.07 -6.07
CA ARG A 97 -5.00 19.27 -5.26
C ARG A 97 -5.87 19.09 -4.03
N ARG A 98 -5.63 19.87 -2.99
CA ARG A 98 -6.50 19.75 -1.80
C ARG A 98 -8.02 19.83 -2.10
N GLU A 99 -8.39 20.49 -3.19
CA GLU A 99 -9.81 20.72 -3.50
C GLU A 99 -10.46 19.56 -4.26
N ASP A 100 -9.62 18.62 -4.70
CA ASP A 100 -10.14 17.48 -5.47
C ASP A 100 -11.00 16.60 -4.55
N TYR A 101 -11.81 15.74 -5.16
CA TYR A 101 -12.75 14.91 -4.44
C TYR A 101 -12.08 13.57 -4.19
N VAL A 102 -12.08 13.11 -2.93
CA VAL A 102 -11.39 11.88 -2.63
C VAL A 102 -11.87 10.68 -3.47
N MET A 103 -13.13 10.69 -3.90
CA MET A 103 -13.69 9.58 -4.67
C MET A 103 -13.03 9.51 -6.03
N ASP A 104 -12.74 10.66 -6.64
CA ASP A 104 -11.98 10.71 -7.91
C ASP A 104 -10.56 10.19 -7.64
N ILE A 105 -9.97 10.57 -6.53
CA ILE A 105 -8.60 10.17 -6.18
C ILE A 105 -8.53 8.66 -5.89
N ALA A 106 -9.50 8.10 -5.19
CA ALA A 106 -9.63 6.63 -5.11
C ALA A 106 -9.71 5.94 -6.47
N LYS A 107 -10.42 6.52 -7.43
CA LYS A 107 -10.48 5.94 -8.77
C LYS A 107 -9.13 5.98 -9.48
N HIS A 108 -8.34 7.04 -9.28
CA HIS A 108 -6.98 7.13 -9.87
C HIS A 108 -6.04 6.13 -9.24
N LEU A 109 -6.13 5.96 -7.94
CA LEU A 109 -5.27 4.97 -7.30
C LEU A 109 -5.57 3.63 -7.88
N ILE A 110 -6.86 3.34 -8.06
CA ILE A 110 -7.23 2.06 -8.65
C ILE A 110 -6.83 1.93 -10.10
N GLU A 111 -7.29 2.88 -10.90
CA GLU A 111 -7.12 2.80 -12.36
C GLU A 111 -5.66 2.95 -12.83
N LYS A 112 -4.88 3.70 -12.09
CA LYS A 112 -3.47 3.87 -12.43
C LYS A 112 -2.59 2.90 -11.68
N GLN A 113 -3.22 2.13 -10.80
CA GLN A 113 -2.56 1.04 -10.12
C GLN A 113 -1.39 1.50 -9.29
N ILE A 114 -1.62 2.51 -8.46
CA ILE A 114 -0.55 3.10 -7.69
C ILE A 114 -1.05 3.18 -6.25
N ASP A 115 -0.14 3.27 -5.29
CA ASP A 115 -0.51 3.37 -3.87
C ASP A 115 -0.75 4.79 -3.34
N ALA A 116 -0.05 5.81 -3.88
CA ALA A 116 -0.14 7.17 -3.41
C ALA A 116 -0.09 8.23 -4.51
N LEU A 117 -0.85 9.31 -4.32
CA LEU A 117 -0.72 10.63 -4.96
C LEU A 117 -0.11 11.73 -4.10
N PRO A 118 0.76 12.58 -4.69
CA PRO A 118 1.17 13.80 -4.04
C PRO A 118 -0.01 14.76 -4.11
N VAL A 119 -0.21 15.55 -3.07
CA VAL A 119 -1.16 16.66 -3.14
C VAL A 119 -0.24 17.81 -3.35
N ILE A 120 -0.51 18.57 -4.40
CA ILE A 120 0.34 19.68 -4.75
C ILE A 120 -0.45 20.97 -4.66
N LYS A 121 0.28 22.08 -4.65
CA LYS A 121 -0.31 23.41 -4.70
C LYS A 121 0.34 24.05 -5.90
N ASP A 122 -0.46 24.63 -6.79
CA ASP A 122 0.08 25.34 -7.97
C ASP A 122 0.59 26.73 -7.65
N THR A 123 1.87 26.86 -7.36
CA THR A 123 2.43 28.16 -7.04
C THR A 123 3.04 28.79 -8.31
N ASP A 124 3.44 30.05 -8.17
CA ASP A 124 4.21 30.77 -9.18
C ASP A 124 5.68 30.31 -9.18
N LYS A 125 5.87 29.01 -8.90
CA LYS A 125 7.12 28.24 -9.06
C LYS A 125 6.89 26.90 -9.80
N GLY A 126 5.66 26.38 -9.73
CA GLY A 126 5.37 25.02 -10.22
C GLY A 126 4.65 24.23 -9.13
N PHE A 127 4.52 22.92 -9.32
CA PHE A 127 3.94 22.01 -8.31
C PHE A 127 4.80 21.89 -7.08
N GLU A 128 4.37 22.57 -6.03
CA GLU A 128 4.94 22.40 -4.71
C GLU A 128 4.12 21.30 -4.01
N VAL A 129 4.81 20.36 -3.34
CA VAL A 129 4.19 19.21 -2.71
C VAL A 129 3.69 19.54 -1.34
N ILE A 130 2.41 19.29 -1.05
CA ILE A 130 1.87 19.72 0.25
C ILE A 130 1.16 18.63 1.06
N GLY A 131 1.19 17.41 0.52
CA GLY A 131 0.51 16.27 1.09
C GLY A 131 0.81 14.99 0.34
N ARG A 132 0.33 13.89 0.94
CA ARG A 132 0.14 12.67 0.20
C ARG A 132 -1.30 12.15 0.47
N VAL A 133 -1.81 11.37 -0.47
CA VAL A 133 -3.06 10.63 -0.28
C VAL A 133 -2.80 9.24 -0.81
N THR A 134 -3.02 8.26 0.08
CA THR A 134 -2.71 6.88 -0.19
C THR A 134 -3.91 5.94 0.09
N LYS A 135 -3.72 4.67 -0.23
CA LYS A 135 -4.69 3.61 0.12
C LYS A 135 -4.92 3.49 1.61
N THR A 136 -3.97 3.93 2.42
CA THR A 136 -4.19 4.05 3.88
C THR A 136 -5.26 5.12 4.19
N ASN A 137 -5.11 6.30 3.63
CA ASN A 137 -6.13 7.34 3.82
C ASN A 137 -7.48 6.85 3.33
N MET A 138 -7.51 6.11 2.19
CA MET A 138 -8.78 5.58 1.70
C MET A 138 -9.37 4.59 2.70
N THR A 139 -8.54 3.65 3.18
CA THR A 139 -8.91 2.66 4.18
C THR A 139 -9.52 3.33 5.43
N LYS A 140 -8.89 4.39 5.86
CA LYS A 140 -9.38 5.09 7.02
C LYS A 140 -10.71 5.75 6.73
N ILE A 141 -10.88 6.26 5.52
CA ILE A 141 -12.18 6.97 5.23
C ILE A 141 -13.26 5.89 5.25
N LEU A 142 -12.89 4.68 4.82
CA LEU A 142 -13.90 3.61 4.69
C LEU A 142 -14.31 3.18 6.09
N VAL A 143 -13.33 2.98 6.98
CA VAL A 143 -13.63 2.77 8.40
C VAL A 143 -14.49 3.84 9.05
N SER A 144 -14.21 5.11 8.74
CA SER A 144 -14.98 6.21 9.27
C SER A 144 -16.43 6.16 8.81
N LEU A 145 -16.66 5.91 7.52
CA LEU A 145 -17.99 5.68 6.98
C LEU A 145 -18.72 4.54 7.67
N SER A 146 -17.98 3.53 8.13
CA SER A 146 -18.68 2.37 8.61
C SER A 146 -19.04 2.55 10.07
N GLU A 147 -18.37 3.51 10.68
CA GLU A 147 -18.67 3.89 12.03
C GLU A 147 -19.55 5.18 12.05
N ASN A 148 -20.13 5.53 10.90
CA ASN A 148 -20.94 6.77 10.71
C ASN A 148 -20.25 7.97 11.37
N GLU A 149 -18.95 8.14 11.11
CA GLU A 149 -18.17 9.23 11.71
C GLU A 149 -17.91 10.38 10.73
N ILE A 150 -18.50 10.31 9.54
CA ILE A 150 -18.35 11.41 8.57
C ILE A 150 -19.66 12.13 8.25
N LEU A 151 -19.63 13.45 8.26
CA LEU A 151 -20.23 14.35 7.19
C LEU A 151 -20.15 15.78 7.54
N GLY B 3 -30.48 2.01 10.68
CA GLY B 3 -30.39 3.34 11.36
C GLY B 3 -31.27 4.34 10.62
N LYS B 4 -31.18 5.61 11.01
CA LYS B 4 -32.18 6.59 10.64
C LYS B 4 -31.78 7.58 9.54
N THR B 5 -30.53 7.55 9.10
CA THR B 5 -30.10 8.44 8.03
C THR B 5 -29.54 7.58 6.90
N GLY B 6 -29.41 8.15 5.70
CA GLY B 6 -28.71 7.45 4.62
C GLY B 6 -27.29 7.08 5.00
N THR B 7 -26.60 7.95 5.72
CA THR B 7 -25.27 7.56 6.14
C THR B 7 -25.31 6.40 7.13
N GLN B 8 -26.32 6.31 7.99
CA GLN B 8 -26.36 5.17 8.92
C GLN B 8 -26.66 3.90 8.20
N LEU B 9 -27.61 3.94 7.28
CA LEU B 9 -27.86 2.82 6.37
C LEU B 9 -26.58 2.40 5.58
N LEU B 10 -25.86 3.35 4.98
CA LEU B 10 -24.49 3.10 4.47
C LEU B 10 -23.57 2.36 5.43
N ALA B 11 -23.37 2.94 6.64
CA ALA B 11 -22.64 2.30 7.71
C ALA B 11 -23.09 0.82 7.96
N ASP B 12 -24.40 0.62 8.03
CA ASP B 12 -24.99 -0.67 8.34
C ASP B 12 -24.57 -1.69 7.28
N LYS B 13 -24.63 -1.31 6.01
CA LYS B 13 -24.16 -2.21 4.99
C LYS B 13 -22.70 -2.49 5.09
N LEU B 14 -21.89 -1.44 5.19
CA LEU B 14 -20.47 -1.61 5.26
C LEU B 14 -20.13 -2.60 6.36
N LYS B 15 -20.80 -2.49 7.53
CA LYS B 15 -20.44 -3.34 8.66
C LYS B 15 -20.76 -4.83 8.44
N LYS B 16 -21.56 -5.13 7.41
CA LYS B 16 -21.94 -6.52 7.12
C LYS B 16 -21.16 -7.18 5.95
N LEU B 17 -20.32 -6.41 5.25
CA LEU B 17 -19.48 -6.98 4.21
C LEU B 17 -18.56 -8.01 4.80
N GLN B 18 -18.38 -9.16 4.12
CA GLN B 18 -17.47 -10.22 4.59
C GLN B 18 -16.31 -10.45 3.59
N VAL B 19 -15.18 -10.79 4.16
CA VAL B 19 -13.95 -11.00 3.44
C VAL B 19 -14.11 -11.86 2.22
N LYS B 20 -14.89 -12.92 2.33
CA LYS B 20 -15.11 -13.87 1.22
C LYS B 20 -15.57 -13.20 -0.06
N ASP B 21 -16.29 -12.09 0.08
CA ASP B 21 -16.77 -11.34 -1.09
C ASP B 21 -15.83 -10.24 -1.60
N PHE B 22 -14.77 -9.95 -0.86
CA PHE B 22 -13.85 -8.85 -1.17
C PHE B 22 -12.39 -9.23 -1.01
N GLN B 23 -12.03 -10.45 -1.35
CA GLN B 23 -10.62 -10.81 -1.30
C GLN B 23 -10.03 -10.96 -2.70
N SER B 24 -8.71 -11.04 -2.74
CA SER B 24 -7.97 -11.32 -3.94
C SER B 24 -7.30 -12.67 -3.74
N ILE B 25 -6.76 -13.15 -4.84
CA ILE B 25 -5.97 -14.36 -4.92
C ILE B 25 -4.71 -14.33 -4.07
N PRO B 26 -4.40 -15.43 -3.41
CA PRO B 26 -3.22 -15.24 -2.55
C PRO B 26 -1.99 -15.53 -3.39
N VAL B 27 -0.88 -14.89 -3.05
CA VAL B 27 0.38 -15.25 -3.68
C VAL B 27 1.29 -15.78 -2.58
N VAL B 28 1.70 -17.02 -2.78
CA VAL B 28 2.37 -17.81 -1.77
C VAL B 28 3.70 -18.31 -2.26
N ILE B 29 4.73 -18.36 -1.40
CA ILE B 29 5.98 -18.99 -1.83
C ILE B 29 6.43 -19.98 -0.78
N HIS B 30 7.22 -20.94 -1.19
CA HIS B 30 7.81 -21.82 -0.22
C HIS B 30 8.87 -21.08 0.58
N GLU B 31 8.95 -21.45 1.86
CA GLU B 31 9.92 -20.87 2.77
C GLU B 31 11.39 -21.20 2.48
N ASN B 32 11.70 -22.19 1.62
CA ASN B 32 13.08 -22.44 1.16
C ASN B 32 13.50 -21.68 -0.11
N VAL B 33 12.56 -20.92 -0.68
CA VAL B 33 12.86 -20.12 -1.87
C VAL B 33 13.88 -19.02 -1.46
N SER B 34 14.83 -18.65 -2.31
CA SER B 34 15.78 -17.60 -1.91
C SER B 34 15.12 -16.22 -1.89
N VAL B 35 15.70 -15.32 -1.11
CA VAL B 35 15.28 -13.92 -1.15
C VAL B 35 15.22 -13.28 -2.57
N TYR B 36 16.26 -13.47 -3.37
CA TYR B 36 16.17 -13.07 -4.82
C TYR B 36 14.93 -13.61 -5.57
N ASP B 37 14.64 -14.91 -5.40
CA ASP B 37 13.45 -15.57 -5.98
C ASP B 37 12.15 -14.95 -5.50
N ALA B 38 12.06 -14.62 -4.22
CA ALA B 38 10.90 -13.86 -3.68
C ALA B 38 10.79 -12.45 -4.28
N ILE B 39 11.90 -11.78 -4.50
CA ILE B 39 11.80 -10.47 -5.13
C ILE B 39 11.36 -10.66 -6.60
N CYS B 40 11.88 -11.67 -7.27
CA CYS B 40 11.32 -12.02 -8.60
C CYS B 40 9.81 -12.27 -8.61
N THR B 41 9.32 -13.08 -7.67
CA THR B 41 7.88 -13.39 -7.54
C THR B 41 7.06 -12.12 -7.33
N MET B 42 7.55 -11.24 -6.46
CA MET B 42 6.84 -10.01 -6.22
C MET B 42 6.60 -9.16 -7.48
N PHE B 43 7.62 -9.06 -8.30
CA PHE B 43 7.45 -8.40 -9.54
C PHE B 43 6.57 -9.19 -10.52
N LEU B 44 6.78 -10.49 -10.59
CA LEU B 44 6.14 -11.36 -11.60
C LEU B 44 4.65 -11.32 -11.32
N GLU B 45 4.24 -11.42 -10.03
CA GLU B 45 2.83 -11.45 -9.62
C GLU B 45 2.21 -10.11 -9.31
N ASP B 46 3.01 -9.05 -9.21
CA ASP B 46 2.51 -7.72 -8.95
C ASP B 46 1.78 -7.55 -7.62
N VAL B 47 2.39 -8.02 -6.52
CA VAL B 47 1.82 -7.90 -5.19
C VAL B 47 2.83 -7.18 -4.30
N GLY B 48 2.41 -6.68 -3.16
CA GLY B 48 3.31 -6.04 -2.22
C GLY B 48 3.55 -6.91 -0.98
N THR B 49 2.86 -8.04 -0.85
CA THR B 49 3.05 -8.90 0.32
C THR B 49 3.03 -10.30 -0.23
N LEU B 50 4.01 -11.13 0.14
CA LEU B 50 3.99 -12.55 -0.19
C LEU B 50 3.74 -13.38 1.07
N PHE B 51 2.99 -14.47 0.98
CA PHE B 51 2.81 -15.24 2.20
C PHE B 51 3.69 -16.44 2.04
N VAL B 52 4.32 -16.85 3.09
CA VAL B 52 5.29 -17.93 3.01
C VAL B 52 4.69 -19.22 3.65
N VAL B 53 4.77 -20.38 2.96
CA VAL B 53 4.24 -21.61 3.44
C VAL B 53 5.32 -22.68 3.54
N ASP B 54 5.07 -23.73 4.30
CA ASP B 54 6.03 -24.81 4.38
C ASP B 54 5.59 -25.91 3.42
N ARG B 55 6.21 -27.08 3.55
CA ARG B 55 6.06 -28.19 2.64
C ARG B 55 4.60 -28.63 2.52
N ASP B 56 3.86 -28.37 3.59
CA ASP B 56 2.48 -28.85 3.74
C ASP B 56 1.51 -27.73 3.42
N ALA B 57 2.02 -26.65 2.83
CA ALA B 57 1.24 -25.53 2.34
C ALA B 57 0.54 -24.90 3.50
N VAL B 58 1.20 -24.88 4.64
CA VAL B 58 0.70 -24.21 5.80
C VAL B 58 1.48 -22.91 5.98
N LEU B 59 0.80 -21.80 6.27
CA LEU B 59 1.43 -20.51 6.51
C LEU B 59 2.44 -20.57 7.61
N VAL B 60 3.62 -20.06 7.32
CA VAL B 60 4.71 -19.89 8.25
C VAL B 60 5.23 -18.43 8.34
N GLY B 61 4.93 -17.61 7.36
CA GLY B 61 5.52 -16.28 7.41
C GLY B 61 4.89 -15.34 6.44
N VAL B 62 5.27 -14.06 6.54
CA VAL B 62 4.97 -13.11 5.48
C VAL B 62 6.20 -12.31 5.12
N LEU B 63 6.21 -11.80 3.88
CA LEU B 63 7.27 -10.91 3.38
C LEU B 63 6.65 -9.68 2.77
N SER B 64 7.12 -8.49 3.11
CA SER B 64 6.60 -7.29 2.52
C SER B 64 7.70 -6.71 1.59
N ARG B 65 7.33 -5.67 0.86
CA ARG B 65 8.32 -5.03 -0.03
C ARG B 65 9.49 -4.53 0.74
N LYS B 66 9.21 -3.89 1.88
CA LYS B 66 10.33 -3.43 2.67
C LYS B 66 11.18 -4.50 3.33
N ASP B 67 10.58 -5.62 3.74
CA ASP B 67 11.40 -6.77 4.23
C ASP B 67 12.44 -7.17 3.19
N LEU B 68 12.03 -7.27 1.93
CA LEU B 68 12.92 -7.67 0.87
C LEU B 68 13.92 -6.56 0.50
N LEU B 69 13.50 -5.30 0.56
CA LEU B 69 14.38 -4.18 0.25
C LEU B 69 15.49 -4.10 1.29
N ARG B 70 15.13 -4.34 2.54
CA ARG B 70 16.01 -4.33 3.69
C ARG B 70 17.05 -5.45 3.55
N ALA B 71 16.55 -6.61 3.10
CA ALA B 71 17.44 -7.77 2.90
C ALA B 71 18.40 -7.49 1.76
N SER B 72 17.92 -6.83 0.69
CA SER B 72 18.79 -6.72 -0.46
C SER B 72 19.87 -5.67 -0.29
N ILE B 73 19.67 -4.69 0.60
CA ILE B 73 20.63 -3.59 0.71
C ILE B 73 21.39 -3.65 2.02
N GLY B 74 21.06 -4.61 2.88
CA GLY B 74 21.71 -4.73 4.18
C GLY B 74 23.15 -5.15 4.02
N GLN B 75 23.98 -4.94 5.04
CA GLN B 75 25.42 -5.09 4.82
C GLN B 75 25.81 -6.56 4.86
N GLN B 76 24.87 -7.43 5.24
CA GLN B 76 25.07 -8.86 5.06
C GLN B 76 24.49 -9.30 3.67
N GLU B 77 25.12 -10.29 3.04
CA GLU B 77 24.62 -10.82 1.77
C GLU B 77 23.38 -11.65 2.10
N LEU B 78 22.21 -11.08 1.85
CA LEU B 78 20.99 -11.82 2.21
C LEU B 78 20.17 -12.26 1.03
N THR B 79 20.57 -11.92 -0.18
CA THR B 79 19.69 -12.23 -1.34
C THR B 79 19.76 -13.70 -1.69
N SER B 80 20.84 -14.37 -1.28
CA SER B 80 21.02 -15.78 -1.56
C SER B 80 20.36 -16.70 -0.49
N VAL B 81 19.96 -16.14 0.65
CA VAL B 81 19.42 -16.94 1.73
C VAL B 81 17.94 -17.30 1.52
N PRO B 82 17.48 -18.42 2.11
CA PRO B 82 16.07 -18.80 2.10
C PRO B 82 15.22 -17.72 2.73
N VAL B 83 14.02 -17.48 2.21
CA VAL B 83 13.16 -16.47 2.85
C VAL B 83 12.82 -16.68 4.34
N HIS B 84 12.92 -17.93 4.83
CA HIS B 84 12.54 -18.25 6.22
C HIS B 84 13.48 -17.58 7.19
N ILE B 85 14.64 -17.13 6.70
CA ILE B 85 15.66 -16.43 7.50
C ILE B 85 15.13 -15.03 7.78
N ILE B 86 14.42 -14.44 6.82
CA ILE B 86 14.05 -13.02 6.96
C ILE B 86 12.55 -12.78 7.11
N MET B 87 11.72 -13.81 7.01
CA MET B 87 10.31 -13.51 6.96
C MET B 87 9.86 -13.18 8.40
N THR B 88 8.77 -12.43 8.53
CA THR B 88 8.04 -12.30 9.78
C THR B 88 7.36 -13.65 10.00
N ARG B 89 7.54 -14.21 11.19
CA ARG B 89 7.18 -15.60 11.49
C ARG B 89 5.92 -15.77 12.29
N MET B 90 5.28 -16.90 12.11
CA MET B 90 4.21 -17.28 13.02
C MET B 90 4.86 -17.38 14.40
N PRO B 91 4.09 -17.20 15.50
CA PRO B 91 2.67 -17.03 15.55
C PRO B 91 2.26 -15.59 15.29
N ASN B 92 3.22 -14.67 15.15
CA ASN B 92 2.90 -13.25 15.03
C ASN B 92 2.48 -12.74 13.64
N ILE B 93 1.57 -13.45 12.99
CA ILE B 93 0.97 -12.96 11.74
C ILE B 93 -0.47 -12.62 12.07
N THR B 94 -0.95 -11.47 11.60
CA THR B 94 -2.36 -11.19 11.66
C THR B 94 -3.02 -11.80 10.42
N VAL B 95 -4.00 -12.65 10.66
CA VAL B 95 -4.72 -13.34 9.59
C VAL B 95 -6.22 -12.99 9.67
N CYS B 96 -7.01 -13.37 8.66
CA CYS B 96 -8.45 -13.34 8.77
C CYS B 96 -9.00 -14.59 8.13
N ARG B 97 -10.31 -14.77 8.24
CA ARG B 97 -11.06 -15.86 7.67
C ARG B 97 -12.18 -15.34 6.72
N ARG B 98 -12.75 -16.20 5.86
CA ARG B 98 -13.71 -15.77 4.82
C ARG B 98 -14.91 -15.07 5.36
N GLU B 99 -15.36 -15.52 6.51
CA GLU B 99 -16.59 -15.02 7.16
C GLU B 99 -16.38 -13.85 8.18
N ASP B 100 -15.12 -13.43 8.37
CA ASP B 100 -14.82 -12.15 9.06
C ASP B 100 -15.43 -11.00 8.31
N TYR B 101 -15.72 -9.95 9.06
CA TYR B 101 -16.24 -8.72 8.48
C TYR B 101 -15.13 -7.89 7.91
N VAL B 102 -15.26 -7.51 6.66
CA VAL B 102 -14.29 -6.59 6.02
C VAL B 102 -13.83 -5.36 6.89
N MET B 103 -14.75 -4.68 7.56
CA MET B 103 -14.40 -3.49 8.34
C MET B 103 -13.60 -3.83 9.63
N ASP B 104 -13.81 -5.01 10.16
CA ASP B 104 -12.93 -5.46 11.21
C ASP B 104 -11.54 -5.64 10.68
N ILE B 105 -11.37 -6.21 9.50
CA ILE B 105 -10.04 -6.33 8.87
C ILE B 105 -9.40 -4.98 8.57
N ALA B 106 -10.19 -4.00 8.10
CA ALA B 106 -9.68 -2.68 7.75
C ALA B 106 -9.15 -2.04 9.03
N LYS B 107 -9.85 -2.21 10.15
CA LYS B 107 -9.31 -1.71 11.40
C LYS B 107 -7.99 -2.33 11.75
N HIS B 108 -7.81 -3.65 11.60
CA HIS B 108 -6.49 -4.29 11.89
C HIS B 108 -5.37 -3.75 10.99
N LEU B 109 -5.69 -3.55 9.69
CA LEU B 109 -4.70 -3.06 8.76
C LEU B 109 -4.20 -1.72 9.25
N ILE B 110 -5.11 -0.85 9.68
CA ILE B 110 -4.75 0.44 10.15
C ILE B 110 -4.04 0.39 11.53
N GLU B 111 -4.58 -0.37 12.45
CA GLU B 111 -4.08 -0.44 13.82
C GLU B 111 -2.72 -1.07 13.84
N LYS B 112 -2.55 -2.10 13.03
CA LYS B 112 -1.26 -2.82 13.04
C LYS B 112 -0.31 -2.27 12.02
N GLN B 113 -0.75 -1.24 11.28
CA GLN B 113 0.09 -0.57 10.24
C GLN B 113 0.71 -1.57 9.27
N ILE B 114 -0.14 -2.39 8.67
CA ILE B 114 0.32 -3.33 7.67
C ILE B 114 -0.61 -3.21 6.47
N ASP B 115 -0.17 -3.66 5.32
CA ASP B 115 -1.01 -3.51 4.13
C ASP B 115 -1.93 -4.66 3.80
N ALA B 116 -1.59 -5.87 4.23
CA ALA B 116 -2.36 -7.04 3.81
C ALA B 116 -2.51 -8.12 4.88
N LEU B 117 -3.59 -8.85 4.82
CA LEU B 117 -3.67 -10.01 5.69
C LEU B 117 -3.88 -11.16 4.78
N PRO B 118 -3.35 -12.33 5.16
CA PRO B 118 -3.80 -13.54 4.46
C PRO B 118 -5.21 -14.00 4.95
N VAL B 119 -6.01 -14.54 4.05
CA VAL B 119 -7.28 -15.20 4.43
C VAL B 119 -6.86 -16.58 4.45
N ILE B 120 -7.21 -17.25 5.56
CA ILE B 120 -6.82 -18.63 5.79
C ILE B 120 -8.01 -19.45 6.16
N LYS B 121 -7.80 -20.74 6.18
CA LYS B 121 -8.81 -21.65 6.64
C LYS B 121 -8.04 -22.54 7.62
N ASP B 122 -8.66 -22.92 8.73
CA ASP B 122 -7.97 -23.79 9.69
C ASP B 122 -8.02 -25.21 9.18
N THR B 123 -6.91 -25.91 9.29
CA THR B 123 -6.87 -27.28 8.90
C THR B 123 -6.16 -27.90 10.10
N ASP B 124 -6.15 -29.23 10.18
CA ASP B 124 -5.49 -29.88 11.30
C ASP B 124 -3.96 -29.70 11.30
N LYS B 125 -3.37 -29.28 10.18
CA LYS B 125 -1.92 -28.94 10.22
C LYS B 125 -1.58 -27.46 10.47
N GLY B 126 -2.59 -26.60 10.49
CA GLY B 126 -2.35 -25.16 10.64
C GLY B 126 -3.15 -24.40 9.60
N PHE B 127 -2.78 -23.17 9.31
CA PHE B 127 -3.59 -22.29 8.50
C PHE B 127 -3.21 -22.47 7.03
N GLU B 128 -4.19 -22.77 6.17
CA GLU B 128 -4.00 -22.79 4.75
C GLU B 128 -4.35 -21.43 4.17
N VAL B 129 -3.49 -20.89 3.28
CA VAL B 129 -3.67 -19.59 2.69
C VAL B 129 -4.65 -19.69 1.53
N ILE B 130 -5.71 -18.89 1.53
CA ILE B 130 -6.78 -19.10 0.54
C ILE B 130 -7.18 -17.77 -0.09
N GLY B 131 -6.58 -16.67 0.33
CA GLY B 131 -6.90 -15.39 -0.26
C GLY B 131 -5.99 -14.34 0.33
N ARG B 132 -6.15 -13.08 -0.12
CA ARG B 132 -5.50 -12.00 0.52
C ARG B 132 -6.48 -10.82 0.56
N VAL B 133 -6.39 -10.02 1.59
CA VAL B 133 -7.20 -8.78 1.64
C VAL B 133 -6.23 -7.65 1.94
N THR B 134 -6.30 -6.56 1.21
CA THR B 134 -5.30 -5.55 1.35
C THR B 134 -6.00 -4.22 1.33
N LYS B 135 -5.23 -3.14 1.48
CA LYS B 135 -5.80 -1.78 1.33
C LYS B 135 -6.29 -1.50 -0.09
N THR B 136 -5.82 -2.27 -1.05
CA THR B 136 -6.36 -2.12 -2.43
C THR B 136 -7.83 -2.57 -2.54
N ASN B 137 -8.12 -3.67 -1.91
CA ASN B 137 -9.47 -4.10 -1.73
C ASN B 137 -10.35 -3.06 -1.05
N MET B 138 -9.87 -2.46 0.03
CA MET B 138 -10.65 -1.45 0.72
C MET B 138 -10.92 -0.25 -0.16
N THR B 139 -9.89 0.17 -0.92
CA THR B 139 -10.05 1.29 -1.88
C THR B 139 -11.12 1.04 -2.94
N LYS B 140 -11.11 -0.17 -3.47
CA LYS B 140 -12.15 -0.61 -4.40
C LYS B 140 -13.57 -0.60 -3.82
N ILE B 141 -13.70 -0.87 -2.51
CA ILE B 141 -15.04 -0.84 -1.88
C ILE B 141 -15.45 0.61 -1.83
N LEU B 142 -14.51 1.48 -1.42
CA LEU B 142 -14.79 2.92 -1.38
C LEU B 142 -15.20 3.44 -2.74
N VAL B 143 -14.47 3.11 -3.80
CA VAL B 143 -14.87 3.47 -5.18
C VAL B 143 -16.30 3.01 -5.53
N SER B 144 -16.63 1.75 -5.19
CA SER B 144 -17.97 1.18 -5.51
C SER B 144 -19.12 1.94 -4.88
N LEU B 145 -18.88 2.46 -3.68
CA LEU B 145 -19.82 3.35 -3.00
C LEU B 145 -20.21 4.54 -3.83
N SER B 146 -19.27 5.12 -4.57
CA SER B 146 -19.63 6.27 -5.37
C SER B 146 -20.20 5.90 -6.75
N GLU B 147 -20.13 4.63 -7.10
CA GLU B 147 -20.76 4.10 -8.32
C GLU B 147 -22.14 3.60 -7.93
N ASN B 148 -22.17 2.58 -7.06
CA ASN B 148 -23.40 2.04 -6.53
C ASN B 148 -24.20 3.08 -5.76
#